data_1LTE
#
_entry.id   1LTE
#
_cell.length_a   84.400
_cell.length_b   73.050
_cell.length_c   71.400
_cell.angle_alpha   90.00
_cell.angle_beta   113.42
_cell.angle_gamma   90.00
#
_symmetry.space_group_name_H-M   'C 1 2 1'
#
loop_
_entity.id
_entity.type
_entity.pdbx_description
1 polymer 'CORAL TREE LECTIN'
2 branched Xylitol-(1-2)-[alpha-D-mannopyranose-(1-3)][alpha-D-mannopyranose-(1-6)]beta-D-mannopyranose-(1-4)-2-acetamido-2-deoxy-beta-D-glucopyranose-(1-4)-[alpha-L-fucopyranose-(1-3)]2-acetamido-2-deoxy-beta-D-glucopyranose
3 branched beta-D-galactopyranose-(1-4)-beta-D-glucopyranose
4 non-polymer 'MANGANESE (II) ION'
5 non-polymer 'CALCIUM ION'
6 water water
#
_entity_poly.entity_id   1
_entity_poly.type   'polypeptide(L)'
_entity_poly.pdbx_seq_one_letter_code
;VETISFSFSEFEPGNDNLTLQGASLITQSGVLQLTKINQNGMPAWDSTGRTLYAKPVHIWDMTTGTVASFETRFSFSIEQ
PYTRPLPADGLVFFMGPTKSKPAQGYGYLGIFNQSKQDNSYQTLGVEFDTFSNPWDPPQVPHIGIDVNSIRSIKTQPFQL
DNGQVANVVIKYDASSKLLHAVLVYPSSGAIYTIAEIVDVKQVLPEWVDVGLSGATGAQRDAAETHDVYSWSFQASLPE
;
_entity_poly.pdbx_strand_id   A
#
loop_
_chem_comp.id
_chem_comp.type
_chem_comp.name
_chem_comp.formula
BGC D-saccharide, beta linking beta-D-glucopyranose 'C6 H12 O6'
BMA D-saccharide, beta linking beta-D-mannopyranose 'C6 H12 O6'
CA non-polymer 'CALCIUM ION' 'Ca 2'
FUC L-saccharide, alpha linking alpha-L-fucopyranose 'C6 H12 O5'
GAL D-saccharide, beta linking beta-D-galactopyranose 'C6 H12 O6'
MAN D-saccharide, alpha linking alpha-D-mannopyranose 'C6 H12 O6'
MN non-polymer 'MANGANESE (II) ION' 'Mn 2'
NAG D-saccharide, beta linking 2-acetamido-2-deoxy-beta-D-glucopyranose 'C8 H15 N O6'
XYL D-saccharide Xylitol 'C5 H12 O5'
#
# COMPACT_ATOMS: atom_id res chain seq x y z
N VAL A 1 -3.94 11.39 24.98
CA VAL A 1 -4.13 10.41 23.93
C VAL A 1 -3.92 11.27 22.72
N GLU A 2 -2.92 11.03 21.87
CA GLU A 2 -2.84 11.89 20.71
C GLU A 2 -3.34 11.06 19.55
N THR A 3 -4.26 11.70 18.84
CA THR A 3 -4.91 11.10 17.71
C THR A 3 -4.60 11.87 16.44
N ILE A 4 -4.65 11.20 15.30
CA ILE A 4 -4.44 11.84 14.01
C ILE A 4 -5.49 11.11 13.17
N SER A 5 -6.18 11.85 12.32
CA SER A 5 -7.23 11.29 11.50
C SER A 5 -7.34 12.07 10.20
N PHE A 6 -7.80 11.43 9.11
CA PHE A 6 -8.00 12.10 7.83
C PHE A 6 -8.92 11.21 6.98
N SER A 7 -9.73 11.74 6.06
CA SER A 7 -10.59 10.96 5.19
C SER A 7 -10.64 11.73 3.88
N PHE A 8 -10.36 11.10 2.76
CA PHE A 8 -10.45 11.75 1.48
C PHE A 8 -11.54 10.94 0.80
N SER A 9 -12.76 11.44 0.66
CA SER A 9 -13.81 10.72 -0.04
C SER A 9 -13.52 10.74 -1.53
N GLU A 10 -12.75 11.71 -1.97
CA GLU A 10 -12.32 11.87 -3.35
C GLU A 10 -11.03 12.67 -3.22
N PHE A 11 -10.21 12.75 -4.24
CA PHE A 11 -8.97 13.50 -4.14
C PHE A 11 -9.16 14.76 -4.94
N GLU A 12 -8.65 15.84 -4.40
CA GLU A 12 -8.73 17.19 -4.92
C GLU A 12 -7.41 17.53 -5.63
N PRO A 13 -7.29 17.83 -6.94
CA PRO A 13 -6.03 18.30 -7.52
C PRO A 13 -5.52 19.55 -6.80
N GLY A 14 -4.23 19.62 -6.51
CA GLY A 14 -3.60 20.75 -5.85
C GLY A 14 -3.74 20.79 -4.33
N ASN A 15 -4.41 19.84 -3.66
CA ASN A 15 -4.51 19.94 -2.21
C ASN A 15 -3.11 19.74 -1.60
N ASP A 16 -2.81 20.45 -0.52
CA ASP A 16 -1.49 20.32 0.06
C ASP A 16 -1.40 19.32 1.21
N ASN A 17 -2.36 18.41 1.40
CA ASN A 17 -2.25 17.43 2.49
C ASN A 17 -1.64 16.12 2.04
N LEU A 18 -1.29 16.01 0.78
CA LEU A 18 -0.72 14.82 0.19
C LEU A 18 0.55 15.13 -0.54
N THR A 19 1.61 14.35 -0.32
CA THR A 19 2.90 14.52 -0.99
C THR A 19 2.86 13.51 -2.14
N LEU A 20 2.91 13.94 -3.38
CA LEU A 20 2.85 13.03 -4.51
C LEU A 20 4.28 12.78 -4.91
N GLN A 21 4.66 11.54 -5.23
CA GLN A 21 6.02 11.25 -5.61
C GLN A 21 5.99 10.37 -6.84
N GLY A 22 7.06 10.41 -7.63
CA GLY A 22 7.20 9.61 -8.83
C GLY A 22 6.10 9.96 -9.83
N ALA A 23 5.44 8.95 -10.39
CA ALA A 23 4.38 9.15 -11.37
C ALA A 23 3.01 9.47 -10.82
N SER A 24 2.85 9.48 -9.51
CA SER A 24 1.59 9.74 -8.86
C SER A 24 0.89 11.02 -9.29
N LEU A 25 -0.41 10.96 -9.55
CA LEU A 25 -1.13 12.16 -9.99
C LEU A 25 -2.59 12.10 -9.62
N ILE A 26 -3.21 13.24 -9.36
CA ILE A 26 -4.63 13.27 -9.03
C ILE A 26 -5.29 13.84 -10.29
N THR A 27 -6.30 13.17 -10.83
CA THR A 27 -6.99 13.62 -12.03
C THR A 27 -8.06 14.66 -11.70
N GLN A 28 -8.56 15.37 -12.71
CA GLN A 28 -9.63 16.35 -12.47
C GLN A 28 -10.90 15.64 -12.05
N SER A 29 -11.04 14.34 -12.30
CA SER A 29 -12.20 13.58 -11.86
C SER A 29 -12.07 13.13 -10.41
N GLY A 30 -10.99 13.47 -9.70
CA GLY A 30 -10.87 13.09 -8.31
C GLY A 30 -10.25 11.75 -7.98
N VAL A 31 -9.64 11.07 -8.94
CA VAL A 31 -9.05 9.80 -8.61
C VAL A 31 -7.52 9.94 -8.60
N LEU A 32 -6.89 9.17 -7.70
CA LEU A 32 -5.45 9.17 -7.55
C LEU A 32 -4.90 8.03 -8.40
N GLN A 33 -4.17 8.36 -9.45
CA GLN A 33 -3.55 7.37 -10.31
C GLN A 33 -2.14 7.19 -9.80
N LEU A 34 -1.83 6.08 -9.14
CA LEU A 34 -0.49 5.88 -8.61
C LEU A 34 0.51 5.66 -9.72
N THR A 35 0.17 4.97 -10.82
CA THR A 35 1.14 4.75 -11.89
C THR A 35 0.60 5.40 -13.15
N LYS A 36 1.50 5.70 -14.07
CA LYS A 36 1.15 6.39 -15.29
C LYS A 36 0.24 5.74 -16.33
N ILE A 37 -0.71 6.52 -16.86
CA ILE A 37 -1.63 6.08 -17.90
C ILE A 37 -1.23 6.94 -19.09
N ASN A 38 -0.94 6.36 -20.24
CA ASN A 38 -0.54 7.06 -21.44
C ASN A 38 -1.63 7.86 -22.10
N GLN A 39 -1.27 8.60 -23.14
CA GLN A 39 -2.20 9.44 -23.89
C GLN A 39 -3.34 8.63 -24.54
N ASN A 40 -3.04 7.39 -24.91
CA ASN A 40 -4.04 6.55 -25.52
C ASN A 40 -4.89 5.82 -24.48
N GLY A 41 -4.75 6.22 -23.21
CA GLY A 41 -5.50 5.68 -22.09
C GLY A 41 -5.04 4.33 -21.57
N MET A 42 -3.90 3.82 -21.95
CA MET A 42 -3.46 2.53 -21.44
C MET A 42 -2.33 2.67 -20.42
N PRO A 43 -2.22 1.79 -19.41
CA PRO A 43 -1.19 1.90 -18.37
C PRO A 43 0.22 1.73 -18.92
N ALA A 44 1.11 2.61 -18.49
CA ALA A 44 2.50 2.58 -18.91
C ALA A 44 3.34 1.66 -18.04
N TRP A 45 4.24 0.89 -18.64
CA TRP A 45 5.14 -0.01 -17.92
C TRP A 45 6.28 0.87 -17.37
N ASP A 46 7.14 0.32 -16.52
CA ASP A 46 8.25 1.02 -15.88
C ASP A 46 7.84 2.34 -15.17
N SER A 47 6.80 2.25 -14.34
CA SER A 47 6.32 3.42 -13.66
C SER A 47 6.19 3.12 -12.18
N THR A 48 6.54 4.08 -11.31
CA THR A 48 6.43 3.88 -9.87
C THR A 48 5.85 5.19 -9.35
N GLY A 49 4.85 5.15 -8.47
CA GLY A 49 4.28 6.38 -7.95
C GLY A 49 3.88 6.14 -6.52
N ARG A 50 3.96 7.18 -5.67
CA ARG A 50 3.57 7.06 -4.28
C ARG A 50 2.87 8.31 -3.80
N THR A 51 2.07 8.20 -2.76
CA THR A 51 1.38 9.32 -2.15
C THR A 51 1.51 9.13 -0.65
N LEU A 52 2.04 10.13 0.03
CA LEU A 52 2.24 10.09 1.48
C LEU A 52 1.40 11.15 2.15
N TYR A 53 0.81 10.89 3.31
CA TYR A 53 0.06 11.93 4.00
C TYR A 53 1.19 12.91 4.46
N ALA A 54 0.90 14.21 4.36
CA ALA A 54 1.86 15.25 4.70
C ALA A 54 2.20 15.47 6.15
N LYS A 55 1.60 14.79 7.12
CA LYS A 55 1.98 14.98 8.53
C LYS A 55 2.48 13.61 9.01
N PRO A 56 3.58 13.46 9.76
CA PRO A 56 4.00 12.19 10.34
C PRO A 56 3.05 11.79 11.45
N VAL A 57 2.98 10.49 11.77
CA VAL A 57 2.07 10.07 12.82
C VAL A 57 2.94 9.45 13.90
N HIS A 58 2.58 9.71 15.14
CA HIS A 58 3.27 9.20 16.30
C HIS A 58 2.70 7.81 16.55
N ILE A 59 3.47 6.80 16.18
CA ILE A 59 3.01 5.44 16.33
C ILE A 59 3.38 4.74 17.65
N TRP A 60 4.46 5.08 18.34
CA TRP A 60 4.76 4.47 19.62
C TRP A 60 5.70 5.44 20.32
N ASP A 61 5.75 5.36 21.64
CA ASP A 61 6.59 6.27 22.39
C ASP A 61 7.56 5.44 23.20
N MET A 62 8.85 5.68 23.01
CA MET A 62 9.87 4.94 23.72
C MET A 62 9.87 5.22 25.22
N THR A 63 9.61 6.45 25.66
CA THR A 63 9.60 6.81 27.06
C THR A 63 8.56 6.07 27.90
N THR A 64 7.36 5.81 27.38
CA THR A 64 6.34 5.12 28.12
C THR A 64 6.10 3.71 27.60
N GLY A 65 6.62 3.43 26.42
CA GLY A 65 6.46 2.12 25.82
C GLY A 65 5.04 1.94 25.26
N THR A 66 4.21 2.97 25.14
CA THR A 66 2.89 2.77 24.60
C THR A 66 2.94 2.74 23.09
N VAL A 67 1.99 2.08 22.41
CA VAL A 67 1.97 2.02 20.96
C VAL A 67 0.51 2.23 20.58
N ALA A 68 0.39 2.88 19.44
CA ALA A 68 -0.89 3.24 18.91
C ALA A 68 -1.62 2.12 18.18
N SER A 69 -2.93 2.25 18.23
CA SER A 69 -3.82 1.36 17.51
C SER A 69 -4.20 2.25 16.30
N PHE A 70 -4.44 1.69 15.11
CA PHE A 70 -4.79 2.49 13.94
C PHE A 70 -5.69 1.68 12.99
N GLU A 71 -6.32 2.37 12.03
CA GLU A 71 -7.17 1.72 11.07
C GLU A 71 -7.11 2.59 9.83
N THR A 72 -7.08 1.94 8.67
CA THR A 72 -7.08 2.66 7.41
C THR A 72 -8.05 1.89 6.52
N ARG A 73 -8.70 2.66 5.64
CA ARG A 73 -9.66 2.11 4.72
C ARG A 73 -9.41 2.80 3.40
N PHE A 74 -9.42 2.07 2.28
CA PHE A 74 -9.24 2.67 0.96
C PHE A 74 -9.88 1.80 -0.10
N SER A 75 -10.18 2.42 -1.24
CA SER A 75 -10.81 1.73 -2.37
C SER A 75 -9.90 1.87 -3.56
N PHE A 76 -9.69 0.82 -4.37
CA PHE A 76 -8.82 0.92 -5.52
C PHE A 76 -9.32 0.00 -6.64
N SER A 77 -8.79 0.11 -7.86
CA SER A 77 -9.15 -0.80 -8.90
C SER A 77 -7.85 -0.99 -9.67
N ILE A 78 -7.72 -2.20 -10.24
CA ILE A 78 -6.60 -2.59 -11.05
C ILE A 78 -7.24 -3.12 -12.34
N GLU A 79 -6.83 -2.64 -13.50
CA GLU A 79 -7.34 -3.10 -14.79
C GLU A 79 -6.08 -3.60 -15.47
N GLN A 80 -6.17 -4.83 -15.99
CA GLN A 80 -5.09 -5.51 -16.69
C GLN A 80 -5.52 -5.73 -18.14
N PRO A 81 -5.09 -4.90 -19.09
CA PRO A 81 -5.61 -4.95 -20.43
C PRO A 81 -4.98 -5.89 -21.45
N TYR A 82 -3.81 -6.51 -21.24
CA TYR A 82 -3.23 -7.37 -22.26
C TYR A 82 -3.12 -8.78 -21.69
N THR A 83 -3.17 -9.82 -22.54
CA THR A 83 -3.03 -11.19 -22.05
C THR A 83 -1.57 -11.50 -21.81
N ARG A 84 -0.67 -10.98 -22.64
CA ARG A 84 0.75 -11.20 -22.46
C ARG A 84 1.45 -9.89 -22.76
N PRO A 85 2.58 -9.50 -22.15
CA PRO A 85 3.22 -10.22 -21.05
C PRO A 85 2.35 -10.18 -19.81
N LEU A 86 2.65 -10.99 -18.79
CA LEU A 86 1.89 -11.00 -17.54
C LEU A 86 1.88 -9.58 -16.95
N PRO A 87 0.75 -9.07 -16.43
CA PRO A 87 0.66 -7.79 -15.75
C PRO A 87 1.55 -7.75 -14.51
N ALA A 88 1.91 -6.54 -14.10
CA ALA A 88 2.81 -6.35 -12.97
C ALA A 88 2.71 -4.90 -12.51
N ASP A 89 3.05 -4.45 -11.29
CA ASP A 89 3.57 -5.29 -10.20
C ASP A 89 2.67 -5.30 -8.99
N GLY A 90 1.91 -4.23 -8.73
CA GLY A 90 0.99 -4.23 -7.60
C GLY A 90 1.03 -2.91 -6.87
N LEU A 91 0.35 -2.83 -5.72
CA LEU A 91 0.33 -1.61 -4.90
C LEU A 91 0.47 -2.03 -3.45
N VAL A 92 0.85 -1.13 -2.55
CA VAL A 92 1.09 -1.41 -1.12
C VAL A 92 0.63 -0.22 -0.29
N PHE A 93 0.16 -0.52 0.90
CA PHE A 93 -0.21 0.49 1.89
C PHE A 93 1.05 0.34 2.77
N PHE A 94 1.76 1.40 3.13
CA PHE A 94 2.95 1.24 3.96
C PHE A 94 3.16 2.34 5.00
N MET A 95 4.02 2.02 5.97
CA MET A 95 4.40 2.92 7.04
C MET A 95 5.89 2.70 7.16
N GLY A 96 6.63 3.79 7.30
CA GLY A 96 8.08 3.71 7.42
C GLY A 96 8.65 5.04 7.91
N PRO A 97 9.97 5.23 7.88
CA PRO A 97 10.65 6.46 8.31
C PRO A 97 10.13 7.70 7.62
N THR A 98 10.10 8.81 8.34
CA THR A 98 9.63 10.08 7.81
C THR A 98 10.57 10.61 6.73
N LYS A 99 10.01 11.44 5.85
CA LYS A 99 10.71 12.05 4.75
C LYS A 99 11.42 11.10 3.80
N SER A 100 10.77 9.97 3.50
CA SER A 100 11.36 9.00 2.60
C SER A 100 11.03 9.39 1.16
N LYS A 101 11.85 8.88 0.27
CA LYS A 101 11.74 9.06 -1.16
C LYS A 101 11.44 7.66 -1.74
N PRO A 102 10.98 7.48 -3.00
CA PRO A 102 10.78 6.18 -3.59
C PRO A 102 12.04 5.31 -3.64
N ALA A 103 11.89 4.02 -3.35
CA ALA A 103 13.02 3.12 -3.40
C ALA A 103 12.91 2.43 -4.77
N GLN A 104 13.26 1.16 -4.94
CA GLN A 104 13.18 0.48 -6.22
C GLN A 104 11.74 0.16 -6.61
N GLY A 105 11.46 0.20 -7.90
CA GLY A 105 10.13 -0.09 -8.38
C GLY A 105 10.00 -1.57 -8.66
N TYR A 106 9.14 -1.88 -9.63
CA TYR A 106 8.83 -3.23 -10.12
C TYR A 106 8.39 -4.07 -8.93
N GLY A 107 8.85 -5.32 -8.78
CA GLY A 107 8.47 -6.18 -7.66
C GLY A 107 8.81 -5.63 -6.28
N TYR A 108 9.65 -4.60 -6.16
CA TYR A 108 9.95 -4.06 -4.83
C TYR A 108 8.92 -3.04 -4.41
N LEU A 109 8.02 -2.73 -5.34
CA LEU A 109 6.88 -1.83 -5.18
C LEU A 109 7.12 -0.40 -4.71
N GLY A 110 8.29 0.16 -4.95
CA GLY A 110 8.60 1.53 -4.54
C GLY A 110 9.02 1.69 -3.08
N ILE A 111 9.08 0.60 -2.30
CA ILE A 111 9.44 0.68 -0.89
C ILE A 111 10.62 -0.19 -0.43
N PHE A 112 11.22 -1.09 -1.24
CA PHE A 112 12.37 -1.86 -0.76
C PHE A 112 13.43 -1.73 -1.83
N ASN A 113 14.67 -2.12 -1.54
CA ASN A 113 15.75 -1.98 -2.52
C ASN A 113 16.26 -3.32 -3.02
N GLN A 114 15.92 -4.42 -2.37
CA GLN A 114 16.33 -5.75 -2.77
C GLN A 114 15.42 -6.70 -2.02
N SER A 115 15.63 -8.01 -1.98
CA SER A 115 14.73 -8.90 -1.27
C SER A 115 15.26 -9.46 0.05
N LYS A 116 16.10 -8.70 0.73
CA LYS A 116 16.63 -9.14 1.99
C LYS A 116 15.70 -8.66 3.08
N GLN A 117 15.78 -9.29 4.23
CA GLN A 117 14.97 -8.88 5.36
C GLN A 117 15.99 -8.08 6.19
N ASP A 118 15.88 -6.77 6.08
CA ASP A 118 16.83 -5.90 6.74
C ASP A 118 16.12 -4.98 7.70
N ASN A 119 16.51 -5.05 8.95
CA ASN A 119 15.92 -4.19 9.96
C ASN A 119 16.12 -2.71 9.69
N SER A 120 17.09 -2.28 8.85
CA SER A 120 17.26 -0.87 8.64
C SER A 120 16.13 -0.32 7.76
N TYR A 121 15.32 -1.16 7.07
CA TYR A 121 14.19 -0.66 6.29
C TYR A 121 13.17 0.04 7.17
N GLN A 122 12.89 -0.52 8.36
CA GLN A 122 11.92 0.00 9.32
C GLN A 122 10.57 0.29 8.65
N THR A 123 10.13 -0.70 7.88
CA THR A 123 8.91 -0.58 7.09
C THR A 123 7.96 -1.74 7.30
N LEU A 124 6.67 -1.38 7.42
CA LEU A 124 5.57 -2.31 7.58
C LEU A 124 4.69 -2.04 6.34
N GLY A 125 4.25 -3.07 5.60
CA GLY A 125 3.41 -2.85 4.44
C GLY A 125 2.39 -3.97 4.25
N VAL A 126 1.26 -3.64 3.62
CA VAL A 126 0.24 -4.67 3.32
C VAL A 126 0.15 -4.54 1.79
N GLU A 127 0.69 -5.51 1.06
CA GLU A 127 0.68 -5.49 -0.39
C GLU A 127 -0.46 -6.24 -1.06
N PHE A 128 -0.68 -5.88 -2.32
CA PHE A 128 -1.70 -6.45 -3.22
C PHE A 128 -0.79 -6.62 -4.43
N ASP A 129 -0.16 -7.78 -4.43
CA ASP A 129 0.83 -8.18 -5.40
C ASP A 129 0.27 -8.93 -6.60
N THR A 130 0.54 -8.42 -7.79
CA THR A 130 -0.01 -9.04 -9.00
C THR A 130 0.99 -9.81 -9.84
N PHE A 131 2.28 -9.88 -9.48
CA PHE A 131 3.23 -10.60 -10.30
C PHE A 131 4.05 -11.52 -9.41
N SER A 132 4.21 -12.81 -9.73
CA SER A 132 4.99 -13.70 -8.90
C SER A 132 6.50 -13.64 -9.18
N ASN A 133 7.22 -13.00 -8.27
CA ASN A 133 8.67 -12.85 -8.32
C ASN A 133 9.34 -14.09 -7.70
N PRO A 134 10.66 -14.36 -7.72
CA PRO A 134 11.27 -15.54 -7.11
C PRO A 134 10.98 -15.67 -5.65
N TRP A 135 10.74 -14.56 -4.96
CA TRP A 135 10.44 -14.59 -3.55
C TRP A 135 8.96 -14.75 -3.26
N ASP A 136 8.09 -14.73 -4.26
CA ASP A 136 6.66 -14.83 -4.01
C ASP A 136 6.15 -16.23 -4.00
N PRO A 137 5.01 -16.55 -3.38
CA PRO A 137 4.25 -17.75 -3.64
C PRO A 137 3.84 -17.78 -5.10
N PRO A 138 3.57 -18.93 -5.71
CA PRO A 138 3.21 -19.01 -7.12
C PRO A 138 1.86 -18.33 -7.41
N GLN A 139 0.92 -18.29 -6.48
CA GLN A 139 -0.37 -17.68 -6.78
C GLN A 139 -0.40 -16.16 -6.72
N VAL A 140 -0.89 -15.55 -7.78
CA VAL A 140 -1.04 -14.10 -7.83
C VAL A 140 -2.43 -13.85 -8.41
N PRO A 141 -3.17 -12.79 -8.07
CA PRO A 141 -2.73 -11.81 -7.08
C PRO A 141 -2.78 -12.34 -5.64
N HIS A 142 -2.05 -11.70 -4.71
CA HIS A 142 -2.13 -12.12 -3.31
C HIS A 142 -1.93 -10.89 -2.44
N ILE A 143 -2.55 -10.97 -1.29
CA ILE A 143 -2.42 -9.94 -0.28
C ILE A 143 -1.20 -10.44 0.52
N GLY A 144 -0.29 -9.60 0.96
CA GLY A 144 0.85 -10.08 1.76
C GLY A 144 1.16 -9.09 2.88
N ILE A 145 1.66 -9.54 4.04
CA ILE A 145 2.03 -8.63 5.15
C ILE A 145 3.56 -8.67 5.11
N ASP A 146 4.14 -7.50 4.83
CA ASP A 146 5.58 -7.28 4.69
C ASP A 146 6.15 -6.58 5.90
N VAL A 147 7.14 -7.21 6.55
CA VAL A 147 7.76 -6.67 7.74
C VAL A 147 9.24 -6.67 7.45
N ASN A 148 9.73 -5.47 7.12
CA ASN A 148 11.13 -5.22 6.78
C ASN A 148 11.64 -6.03 5.62
N SER A 149 10.74 -6.51 4.75
CA SER A 149 11.15 -7.29 3.59
C SER A 149 10.00 -7.41 2.59
N ILE A 150 10.32 -7.55 1.31
CA ILE A 150 9.31 -7.76 0.27
C ILE A 150 8.88 -9.26 0.35
N ARG A 151 9.57 -10.07 1.15
CA ARG A 151 9.30 -11.50 1.31
C ARG A 151 8.26 -11.54 2.42
N SER A 152 6.95 -11.49 2.14
CA SER A 152 5.89 -11.48 3.16
C SER A 152 5.96 -12.54 4.22
N ILE A 153 5.59 -12.20 5.44
CA ILE A 153 5.56 -13.19 6.49
C ILE A 153 4.25 -13.97 6.38
N LYS A 154 3.22 -13.50 5.66
CA LYS A 154 1.94 -14.18 5.52
C LYS A 154 1.38 -13.70 4.19
N THR A 155 0.75 -14.59 3.44
CA THR A 155 0.18 -14.35 2.12
C THR A 155 -1.25 -14.88 2.02
N GLN A 156 -2.16 -14.30 1.22
CA GLN A 156 -3.53 -14.80 1.06
C GLN A 156 -3.86 -14.56 -0.42
N PRO A 157 -4.02 -15.56 -1.27
CA PRO A 157 -4.40 -15.42 -2.65
C PRO A 157 -5.80 -14.86 -2.77
N PHE A 158 -6.05 -14.10 -3.83
CA PHE A 158 -7.37 -13.55 -4.04
C PHE A 158 -7.55 -13.52 -5.56
N GLN A 159 -8.79 -13.48 -6.05
CA GLN A 159 -9.01 -13.44 -7.47
C GLN A 159 -9.28 -12.00 -7.86
N LEU A 160 -8.64 -11.46 -8.87
CA LEU A 160 -8.91 -10.09 -9.26
C LEU A 160 -10.23 -10.03 -10.04
N ASP A 161 -11.04 -9.01 -9.78
CA ASP A 161 -12.28 -8.80 -10.53
C ASP A 161 -11.77 -7.55 -11.27
N ASN A 162 -11.36 -7.79 -12.50
CA ASN A 162 -10.73 -6.82 -13.39
C ASN A 162 -11.49 -5.54 -13.58
N GLY A 163 -10.82 -4.46 -13.16
CA GLY A 163 -11.36 -3.13 -13.27
C GLY A 163 -12.48 -2.83 -12.29
N GLN A 164 -12.83 -3.70 -11.35
CA GLN A 164 -13.88 -3.43 -10.38
C GLN A 164 -13.28 -2.80 -9.14
N VAL A 165 -14.05 -2.07 -8.34
CA VAL A 165 -13.54 -1.44 -7.15
C VAL A 165 -13.51 -2.42 -5.98
N ALA A 166 -12.36 -2.45 -5.34
CA ALA A 166 -12.14 -3.30 -4.17
C ALA A 166 -12.10 -2.41 -2.95
N ASN A 167 -12.69 -2.81 -1.83
CA ASN A 167 -12.68 -2.01 -0.61
C ASN A 167 -11.76 -2.74 0.35
N VAL A 168 -10.82 -2.01 0.97
CA VAL A 168 -9.86 -2.59 1.90
C VAL A 168 -10.01 -1.99 3.29
N VAL A 169 -9.91 -2.80 4.36
CA VAL A 169 -9.95 -2.31 5.75
C VAL A 169 -8.70 -2.96 6.39
N ILE A 170 -7.79 -2.21 7.03
CA ILE A 170 -6.59 -2.75 7.68
C ILE A 170 -6.69 -2.16 9.08
N LYS A 171 -6.63 -2.99 10.11
CA LYS A 171 -6.75 -2.52 11.48
C LYS A 171 -5.65 -3.16 12.32
N TYR A 172 -5.10 -2.39 13.26
CA TYR A 172 -4.05 -2.86 14.12
C TYR A 172 -4.48 -2.55 15.54
N ASP A 173 -4.54 -3.62 16.32
CA ASP A 173 -4.91 -3.52 17.71
C ASP A 173 -3.60 -3.68 18.49
N ALA A 174 -3.09 -2.60 19.07
CA ALA A 174 -1.85 -2.60 19.82
C ALA A 174 -1.83 -3.56 21.02
N SER A 175 -2.94 -3.71 21.75
CA SER A 175 -2.99 -4.62 22.89
C SER A 175 -2.71 -6.05 22.50
N SER A 176 -3.29 -6.55 21.41
CA SER A 176 -3.06 -7.93 21.04
C SER A 176 -1.94 -8.05 20.03
N LYS A 177 -1.50 -6.92 19.46
CA LYS A 177 -0.44 -6.84 18.47
C LYS A 177 -0.82 -7.55 17.17
N LEU A 178 -2.10 -7.47 16.92
CA LEU A 178 -2.70 -8.09 15.76
C LEU A 178 -2.97 -7.15 14.60
N LEU A 179 -2.41 -7.42 13.42
CA LEU A 179 -2.66 -6.64 12.21
C LEU A 179 -3.67 -7.50 11.41
N HIS A 180 -4.91 -7.03 11.20
CA HIS A 180 -5.93 -7.76 10.45
C HIS A 180 -6.37 -6.90 9.26
N ALA A 181 -6.38 -7.49 8.06
CA ALA A 181 -6.78 -6.81 6.83
C ALA A 181 -7.86 -7.63 6.11
N VAL A 182 -8.77 -6.92 5.44
CA VAL A 182 -9.90 -7.46 4.72
C VAL A 182 -9.95 -6.81 3.35
N LEU A 183 -10.33 -7.58 2.34
CA LEU A 183 -10.48 -7.07 0.99
C LEU A 183 -11.84 -7.59 0.57
N VAL A 184 -12.69 -6.70 0.08
CA VAL A 184 -14.04 -7.06 -0.34
C VAL A 184 -14.28 -6.53 -1.74
N TYR A 185 -14.83 -7.33 -2.65
CA TYR A 185 -15.15 -6.85 -4.00
C TYR A 185 -16.68 -6.78 -3.98
N PRO A 186 -17.32 -5.60 -3.84
CA PRO A 186 -18.78 -5.46 -3.85
C PRO A 186 -19.46 -6.10 -5.08
N SER A 187 -18.82 -6.06 -6.26
CA SER A 187 -19.34 -6.63 -7.48
C SER A 187 -19.66 -8.11 -7.37
N SER A 188 -18.70 -8.93 -6.96
CA SER A 188 -18.91 -10.36 -6.82
C SER A 188 -19.31 -10.74 -5.42
N GLY A 189 -19.17 -9.84 -4.45
CA GLY A 189 -19.47 -10.14 -3.06
C GLY A 189 -18.32 -10.97 -2.42
N ALA A 190 -17.14 -11.04 -3.06
CA ALA A 190 -16.02 -11.84 -2.55
C ALA A 190 -15.36 -11.17 -1.35
N ILE A 191 -15.05 -11.92 -0.28
CA ILE A 191 -14.43 -11.44 0.95
C ILE A 191 -13.17 -12.28 1.23
N TYR A 192 -12.04 -11.61 1.44
CA TYR A 192 -10.77 -12.26 1.74
C TYR A 192 -10.28 -11.64 3.03
N THR A 193 -9.61 -12.43 3.88
CA THR A 193 -9.15 -11.96 5.18
C THR A 193 -7.73 -12.48 5.47
N ILE A 194 -6.88 -11.72 6.16
CA ILE A 194 -5.50 -12.11 6.50
C ILE A 194 -5.22 -11.46 7.85
N ALA A 195 -4.50 -12.13 8.73
CA ALA A 195 -4.14 -11.57 10.02
C ALA A 195 -2.83 -12.22 10.47
N GLU A 196 -2.00 -11.46 11.17
CA GLU A 196 -0.74 -11.94 11.69
C GLU A 196 -0.35 -11.06 12.89
N ILE A 197 0.52 -11.57 13.77
CA ILE A 197 1.00 -10.83 14.95
C ILE A 197 2.13 -9.95 14.50
N VAL A 198 2.15 -8.65 14.82
CA VAL A 198 3.26 -7.81 14.39
C VAL A 198 3.49 -6.86 15.55
N ASP A 199 4.63 -6.90 16.24
CA ASP A 199 4.87 -5.93 17.29
C ASP A 199 5.62 -4.79 16.59
N VAL A 200 4.86 -3.75 16.36
CA VAL A 200 5.32 -2.53 15.72
C VAL A 200 6.58 -1.94 16.38
N LYS A 201 6.76 -2.07 17.70
CA LYS A 201 7.93 -1.50 18.38
C LYS A 201 9.21 -2.14 17.89
N GLN A 202 9.14 -3.37 17.38
CA GLN A 202 10.33 -4.03 16.89
C GLN A 202 10.64 -3.66 15.44
N VAL A 203 9.68 -3.02 14.75
CA VAL A 203 9.81 -2.68 13.34
C VAL A 203 10.00 -1.23 12.95
N LEU A 204 9.05 -0.42 13.42
CA LEU A 204 8.98 0.99 13.11
C LEU A 204 9.69 1.97 14.03
N PRO A 205 10.12 3.14 13.53
CA PRO A 205 10.48 4.29 14.34
C PRO A 205 9.26 4.84 15.07
N GLU A 206 9.48 5.70 16.08
CA GLU A 206 8.37 6.29 16.83
C GLU A 206 7.44 7.15 15.98
N TRP A 207 7.96 7.83 14.97
CA TRP A 207 7.17 8.68 14.09
C TRP A 207 7.36 8.09 12.71
N VAL A 208 6.28 7.96 11.96
CA VAL A 208 6.31 7.41 10.62
C VAL A 208 5.51 8.22 9.61
N ASP A 209 5.78 8.02 8.32
CA ASP A 209 4.99 8.66 7.29
C ASP A 209 4.12 7.49 6.81
N VAL A 210 2.83 7.71 6.47
CA VAL A 210 1.97 6.61 6.01
C VAL A 210 1.69 6.91 4.53
N GLY A 211 1.65 5.90 3.67
CA GLY A 211 1.42 6.12 2.25
C GLY A 211 0.93 4.89 1.50
N LEU A 212 0.83 5.10 0.19
CA LEU A 212 0.39 4.09 -0.77
C LEU A 212 1.41 4.24 -1.87
N SER A 213 1.82 3.12 -2.45
CA SER A 213 2.81 3.09 -3.51
C SER A 213 2.35 2.06 -4.54
N GLY A 214 2.64 2.27 -5.81
CA GLY A 214 2.25 1.33 -6.84
C GLY A 214 3.38 1.26 -7.85
N ALA A 215 3.49 0.17 -8.59
CA ALA A 215 4.54 0.03 -9.56
C ALA A 215 4.13 -0.88 -10.71
N THR A 216 4.57 -0.59 -11.93
CA THR A 216 4.30 -1.44 -13.07
C THR A 216 5.64 -2.13 -13.41
N GLY A 217 5.60 -3.12 -14.31
CA GLY A 217 6.71 -3.95 -14.68
C GLY A 217 7.90 -3.41 -15.44
N ALA A 218 8.90 -4.32 -15.40
CA ALA A 218 10.20 -4.13 -16.03
C ALA A 218 10.31 -4.43 -17.52
N GLN A 219 9.29 -4.96 -18.22
CA GLN A 219 9.41 -5.17 -19.66
C GLN A 219 8.20 -4.54 -20.31
N ARG A 220 8.30 -4.21 -21.59
CA ARG A 220 7.23 -3.55 -22.33
C ARG A 220 5.89 -4.25 -22.17
N ASP A 221 4.97 -3.39 -21.80
CA ASP A 221 3.57 -3.65 -21.53
C ASP A 221 3.23 -4.57 -20.37
N ALA A 222 4.17 -4.84 -19.45
CA ALA A 222 3.86 -5.66 -18.30
C ALA A 222 3.35 -4.52 -17.41
N ALA A 223 2.06 -4.22 -17.50
CA ALA A 223 1.49 -3.10 -16.77
C ALA A 223 0.01 -3.27 -16.49
N GLU A 224 -0.51 -2.43 -15.61
CA GLU A 224 -1.91 -2.43 -15.20
C GLU A 224 -2.15 -1.09 -14.51
N THR A 225 -3.37 -0.72 -14.19
CA THR A 225 -3.60 0.56 -13.52
C THR A 225 -3.51 0.34 -12.02
N HIS A 226 -3.46 1.37 -11.19
CA HIS A 226 -3.42 1.25 -9.73
C HIS A 226 -4.10 2.56 -9.35
N ASP A 227 -5.41 2.58 -9.48
CA ASP A 227 -6.21 3.78 -9.21
C ASP A 227 -6.83 3.72 -7.84
N VAL A 228 -6.73 4.80 -7.06
CA VAL A 228 -7.28 4.86 -5.71
C VAL A 228 -8.37 5.92 -5.72
N TYR A 229 -9.52 5.57 -5.13
CA TYR A 229 -10.68 6.45 -5.07
C TYR A 229 -10.95 7.18 -3.76
N SER A 230 -10.55 6.61 -2.64
CA SER A 230 -10.77 7.26 -1.36
C SER A 230 -9.77 6.65 -0.40
N TRP A 231 -9.44 7.30 0.71
CA TRP A 231 -8.47 6.79 1.66
C TRP A 231 -8.72 7.50 3.00
N SER A 232 -8.87 6.79 4.11
CA SER A 232 -9.07 7.40 5.42
C SER A 232 -8.12 6.66 6.35
N PHE A 233 -7.77 7.33 7.45
CA PHE A 233 -6.85 6.77 8.41
C PHE A 233 -7.12 7.43 9.75
N GLN A 234 -6.90 6.69 10.82
CA GLN A 234 -7.12 7.21 12.16
C GLN A 234 -6.12 6.44 13.03
N ALA A 235 -5.43 7.09 13.96
CA ALA A 235 -4.50 6.43 14.87
C ALA A 235 -4.64 7.07 16.23
N SER A 236 -4.55 6.31 17.30
CA SER A 236 -4.66 6.86 18.65
C SER A 236 -3.56 6.30 19.53
N LEU A 237 -2.70 7.15 20.09
CA LEU A 237 -1.62 6.75 20.98
C LEU A 237 -2.18 6.98 22.39
N PRO A 238 -2.41 5.99 23.25
CA PRO A 238 -2.76 6.21 24.66
C PRO A 238 -1.52 6.80 25.30
N GLU A 239 -1.57 8.11 25.29
CA GLU A 239 -0.54 8.99 25.81
C GLU A 239 -1.42 10.27 25.99
C1 NAG B . -5.51 19.90 4.72
C2 NAG B . -5.61 19.70 6.25
C3 NAG B . -6.22 20.90 6.97
C4 NAG B . -5.51 22.17 6.51
C5 NAG B . -5.65 22.33 5.00
C6 NAG B . -5.03 23.62 4.38
C7 NAG B . -5.90 17.30 6.74
C8 NAG B . -6.80 16.12 7.05
N2 NAG B . -6.43 18.52 6.54
O3 NAG B . -5.94 20.65 8.36
O4 NAG B . -6.11 23.28 7.17
O5 NAG B . -5.02 21.21 4.38
O6 NAG B . -3.62 23.55 4.53
O7 NAG B . -4.68 17.13 6.66
C1 NAG B . -5.20 24.19 7.78
C2 NAG B . -5.95 25.46 8.13
C3 NAG B . -5.10 26.47 8.88
C4 NAG B . -4.38 25.75 10.01
C5 NAG B . -3.68 24.43 9.59
C6 NAG B . -3.11 23.70 10.81
C7 NAG B . -7.65 26.35 6.63
C8 NAG B . -7.96 27.09 5.34
N2 NAG B . -6.38 26.14 6.91
O3 NAG B . -5.95 27.49 9.36
O4 NAG B . -3.32 26.59 10.51
O5 NAG B . -4.63 23.58 8.93
O6 NAG B . -2.26 22.65 10.38
O7 NAG B . -8.54 25.95 7.39
C1 BMA B . -3.62 27.61 11.45
C2 BMA B . -2.29 28.01 12.09
C3 BMA B . -2.59 29.11 13.09
C4 BMA B . -3.26 30.30 12.39
C5 BMA B . -4.48 29.86 11.61
C6 BMA B . -4.95 30.97 10.72
O2 BMA B . -1.43 28.51 11.05
O3 BMA B . -1.39 29.59 13.72
O4 BMA B . -3.66 31.24 13.37
O5 BMA B . -4.18 28.74 10.76
O6 BMA B . -5.99 30.50 9.84
C1 XYL B . -0.49 27.64 10.44
C2 XYL B . -0.02 28.33 9.18
C3 XYL B . 1.14 27.56 8.57
C4 XYL B . 2.24 27.45 9.61
C5 XYL B . 1.71 26.72 10.83
O2 XYL B . -1.07 28.40 8.26
O3 XYL B . 1.65 28.14 7.37
O4 XYL B . 3.32 26.75 9.03
O5 XYL B . 0.57 27.40 11.35
C1 MAN B . -1.20 29.40 15.11
C2 MAN B . -0.31 30.37 15.85
C3 MAN B . 1.10 30.23 15.37
C4 MAN B . 1.60 28.80 15.35
C5 MAN B . 0.56 27.81 14.74
C6 MAN B . 0.95 26.36 15.09
O2 MAN B . -0.41 30.02 17.24
O3 MAN B . 1.95 30.94 16.25
O4 MAN B . 2.77 28.73 14.59
O5 MAN B . -0.75 28.05 15.30
O6 MAN B . 1.16 26.17 16.50
C1 MAN B . -7.27 30.35 10.46
C2 MAN B . -8.30 29.93 9.43
C3 MAN B . -8.48 31.02 8.39
C4 MAN B . -8.85 32.37 9.08
C5 MAN B . -7.82 32.69 10.19
C6 MAN B . -8.14 33.87 11.11
O2 MAN B . -9.55 29.72 10.07
O3 MAN B . -9.52 30.61 7.54
O4 MAN B . -8.89 33.40 8.12
O5 MAN B . -7.66 31.58 11.09
O6 MAN B . -7.01 34.11 11.94
C1 FUC B . -7.04 20.18 9.14
C2 FUC B . -6.51 19.63 10.44
C3 FUC B . -5.97 20.76 11.29
C4 FUC B . -7.06 21.82 11.50
C5 FUC B . -7.63 22.29 10.15
C6 FUC B . -8.88 23.15 10.36
O2 FUC B . -5.50 18.63 10.26
O3 FUC B . -5.58 20.21 12.55
O4 FUC B . -8.07 21.25 12.30
O5 FUC B . -8.03 21.18 9.34
C2 BGC C . 13.15 -9.05 -17.96
C3 BGC C . 12.37 -8.30 -16.88
C4 BGC C . 12.66 -9.01 -15.52
C5 BGC C . 14.18 -9.16 -15.23
C6 BGC C . 14.53 -10.16 -14.08
C1 BGC C . 14.64 -9.06 -17.64
O1 BGC C . 15.34 -9.81 -18.62
O2 BGC C . 12.84 -8.46 -19.21
O3 BGC C . 10.99 -8.31 -17.25
O4 BGC C . 12.12 -8.24 -14.42
O5 BGC C . 14.89 -9.66 -16.38
O6 BGC C . 13.41 -10.76 -13.46
C1 GAL C . 10.84 -8.59 -13.89
C2 GAL C . 10.63 -7.80 -12.58
C3 GAL C . 9.23 -8.07 -12.01
C4 GAL C . 8.20 -7.65 -13.09
C5 GAL C . 8.45 -8.42 -14.40
C6 GAL C . 7.52 -7.98 -15.54
O2 GAL C . 11.58 -8.11 -11.58
O3 GAL C . 9.04 -7.34 -10.78
O4 GAL C . 8.33 -6.26 -13.33
O5 GAL C . 9.81 -8.23 -14.84
O6 GAL C . 7.84 -8.75 -16.68
MN MN D . 4.32 -10.77 -2.81
CA CA E . 5.61 -9.69 -6.65
#